data_7K0A
#
_entry.id   7K0A
#
_cell.length_a   36.596
_cell.length_b   141.509
_cell.length_c   98.985
_cell.angle_alpha   90.000
_cell.angle_beta   100.341
_cell.angle_gamma   90.000
#
_symmetry.space_group_name_H-M   'I 1 2 1'
#
loop_
_entity.id
_entity.type
_entity.pdbx_description
1 polymer 'Puromycin N-acetyltransferase'
2 non-polymer N-Acetylpuromycin
3 non-polymer 'COENZYME A'
4 non-polymer DI(HYDROXYETHYL)ETHER
5 non-polymer 'SULFATE ION'
6 non-polymer 1,2-ETHANEDIOL
7 water water
#
_entity_poly.entity_id   1
_entity_poly.type   'polypeptide(L)'
_entity_poly.pdbx_seq_one_letter_code
;MGSTEYKPTVRLATRDDVPRAVRTLAAAFADYPATRHTVDPDRHIERVTELQELFLTRVGLDIGKVWVADDGAAVAVWTT
PESVEAGAVFAEIGPRMAELSGSRLAAQQQMEGLLAPHRPKEPAWFLATVGVSPDHQGKGLGSAVVLPGVEAAERAGVPA
FLETSAPRNLPFYERLGFTVTADVEVPEGPRTWCMTRKPGASHHHHHH
;
_entity_poly.pdbx_strand_id   A,B
#
# COMPACT_ATOMS: atom_id res chain seq x y z
N LYS A 7 29.17 15.52 4.33
CA LYS A 7 28.33 16.46 3.51
C LYS A 7 28.03 15.83 2.15
N PRO A 8 26.77 15.88 1.66
CA PRO A 8 26.44 15.28 0.37
C PRO A 8 26.99 16.05 -0.85
N THR A 9 27.40 15.32 -1.89
CA THR A 9 27.78 15.91 -3.19
C THR A 9 26.52 16.07 -4.05
N VAL A 10 26.17 17.33 -4.34
CA VAL A 10 24.97 17.73 -5.12
C VAL A 10 25.43 18.27 -6.47
N ARG A 11 24.86 17.76 -7.57
CA ARG A 11 25.10 18.24 -8.97
C ARG A 11 23.88 17.94 -9.84
N LEU A 12 23.86 18.45 -11.07
CA LEU A 12 22.82 18.11 -12.07
C LEU A 12 22.96 16.63 -12.42
N ALA A 13 21.82 15.98 -12.65
CA ALA A 13 21.73 14.57 -13.06
C ALA A 13 22.25 14.44 -14.49
N THR A 14 22.78 13.26 -14.82
CA THR A 14 23.06 12.84 -16.21
C THR A 14 22.26 11.55 -16.45
N ARG A 15 22.28 11.08 -17.69
CA ARG A 15 21.60 9.84 -18.12
C ARG A 15 22.14 8.66 -17.31
N ASP A 16 23.41 8.73 -16.90
CA ASP A 16 24.10 7.71 -16.09
C ASP A 16 23.43 7.52 -14.72
N ASP A 17 22.83 8.57 -14.16
CA ASP A 17 22.18 8.55 -12.82
C ASP A 17 20.76 7.97 -12.85
N VAL A 18 20.19 7.73 -14.02
CA VAL A 18 18.72 7.43 -14.11
C VAL A 18 18.40 6.14 -13.37
N PRO A 19 19.13 5.01 -13.57
CA PRO A 19 18.76 3.78 -12.87
C PRO A 19 18.71 3.97 -11.35
N ARG A 20 19.76 4.56 -10.78
CA ARG A 20 19.80 4.78 -9.33
C ARG A 20 18.70 5.78 -8.91
N ALA A 21 18.54 6.89 -9.65
CA ALA A 21 17.51 7.91 -9.32
C ALA A 21 16.11 7.28 -9.32
N VAL A 22 15.82 6.40 -10.27
CA VAL A 22 14.50 5.71 -10.37
C VAL A 22 14.34 4.75 -9.17
N ARG A 23 15.36 3.98 -8.82
CA ARG A 23 15.32 3.07 -7.65
C ARG A 23 15.09 3.90 -6.38
N THR A 24 15.76 5.05 -6.23
CA THR A 24 15.55 5.97 -5.09
C THR A 24 14.08 6.42 -5.08
N LEU A 25 13.58 6.89 -6.21
CA LEU A 25 12.21 7.46 -6.24
C LEU A 25 11.17 6.37 -5.95
N ALA A 26 11.34 5.18 -6.50
CA ALA A 26 10.43 4.02 -6.28
C ALA A 26 10.37 3.67 -4.78
N ALA A 27 11.52 3.56 -4.11
CA ALA A 27 11.61 3.22 -2.68
C ALA A 27 10.98 4.35 -1.86
N ALA A 28 11.29 5.61 -2.17
CA ALA A 28 10.82 6.77 -1.40
C ALA A 28 9.29 6.85 -1.47
N PHE A 29 8.69 6.44 -2.60
CA PHE A 29 7.23 6.60 -2.85
C PHE A 29 6.48 5.29 -2.56
N ALA A 30 7.12 4.26 -2.00
CA ALA A 30 6.51 2.91 -1.81
C ALA A 30 5.20 3.02 -1.00
N ASP A 31 5.07 3.97 -0.08
CA ASP A 31 3.84 4.09 0.72
C ASP A 31 3.48 5.56 0.94
N TYR A 32 3.51 6.35 -0.13
CA TYR A 32 3.21 7.80 -0.11
C TYR A 32 1.71 7.96 -0.29
N PRO A 33 1.01 8.73 0.56
CA PRO A 33 -0.45 8.78 0.54
C PRO A 33 -1.06 9.12 -0.83
N ALA A 34 -0.42 10.00 -1.61
CA ALA A 34 -1.02 10.47 -2.87
C ALA A 34 -0.92 9.37 -3.93
N THR A 35 0.18 8.63 -3.96
CA THR A 35 0.37 7.52 -4.93
C THR A 35 -0.54 6.37 -4.48
N ARG A 36 -0.69 6.15 -3.18
CA ARG A 36 -1.61 5.06 -2.70
C ARG A 36 -3.03 5.41 -3.12
N HIS A 37 -3.37 6.69 -3.08
CA HIS A 37 -4.72 7.20 -3.43
C HIS A 37 -4.97 7.09 -4.93
N THR A 38 -3.99 7.39 -5.77
CA THR A 38 -4.23 7.71 -7.21
C THR A 38 -3.61 6.68 -8.14
N VAL A 39 -2.99 5.64 -7.62
CA VAL A 39 -2.34 4.61 -8.47
C VAL A 39 -2.84 3.23 -8.05
N ASP A 40 -3.36 2.48 -9.03
CA ASP A 40 -3.86 1.09 -8.90
C ASP A 40 -3.04 0.30 -7.86
N PRO A 41 -3.71 -0.42 -6.93
CA PRO A 41 -2.98 -1.29 -6.00
C PRO A 41 -2.37 -2.51 -6.69
N ASP A 42 -2.87 -2.88 -7.87
CA ASP A 42 -2.30 -3.99 -8.68
C ASP A 42 -0.99 -3.55 -9.34
N ARG A 43 0.10 -4.27 -9.04
CA ARG A 43 1.47 -3.96 -9.51
C ARG A 43 1.75 -2.49 -9.17
N HIS A 44 1.45 -2.14 -7.94
CA HIS A 44 1.49 -0.74 -7.46
C HIS A 44 2.92 -0.20 -7.62
N ILE A 45 3.91 -0.90 -7.08
CA ILE A 45 5.33 -0.49 -7.11
C ILE A 45 5.79 -0.34 -8.56
N GLU A 46 5.45 -1.27 -9.46
CA GLU A 46 5.85 -1.15 -10.88
C GLU A 46 5.22 0.10 -11.51
N ARG A 47 3.96 0.37 -11.19
CA ARG A 47 3.24 1.55 -11.73
C ARG A 47 3.87 2.85 -11.20
N VAL A 48 4.13 2.89 -9.91
CA VAL A 48 4.76 4.08 -9.26
C VAL A 48 6.15 4.28 -9.84
N THR A 49 6.87 3.19 -10.08
CA THR A 49 8.26 3.23 -10.60
C THR A 49 8.24 3.87 -11.98
N GLU A 50 7.29 3.49 -12.84
CA GLU A 50 7.17 4.01 -14.21
C GLU A 50 6.77 5.50 -14.15
N LEU A 51 5.79 5.86 -13.33
CA LEU A 51 5.38 7.27 -13.12
C LEU A 51 6.58 8.11 -12.74
N GLN A 52 7.42 7.63 -11.83
CA GLN A 52 8.61 8.39 -11.36
C GLN A 52 9.63 8.52 -12.51
N GLU A 53 9.89 7.44 -13.25
CA GLU A 53 10.83 7.49 -14.38
C GLU A 53 10.30 8.48 -15.43
N LEU A 54 9.00 8.48 -15.71
CA LEU A 54 8.39 9.43 -16.69
C LEU A 54 8.71 10.86 -16.25
N PHE A 55 8.49 11.17 -14.97
CA PHE A 55 8.72 12.53 -14.45
C PHE A 55 10.21 12.83 -14.54
N LEU A 56 11.07 11.84 -14.24
CA LEU A 56 12.52 12.04 -14.18
C LEU A 56 13.00 12.40 -15.60
N THR A 57 12.57 11.63 -16.61
CA THR A 57 13.19 11.69 -17.96
C THR A 57 12.42 12.70 -18.80
N ARG A 58 11.12 12.48 -19.00
N ARG A 58 11.12 12.49 -18.99
CA ARG A 58 10.35 13.27 -20.00
CA ARG A 58 10.34 13.26 -20.00
C ARG A 58 10.07 14.68 -19.48
C ARG A 58 10.06 14.67 -19.48
N VAL A 59 10.00 14.89 -18.17
CA VAL A 59 9.80 16.24 -17.56
C VAL A 59 11.18 16.79 -17.15
N GLY A 60 11.84 16.17 -16.19
CA GLY A 60 13.12 16.62 -15.61
C GLY A 60 14.23 16.76 -16.66
N LEU A 61 14.76 15.65 -17.18
CA LEU A 61 15.97 15.73 -18.01
C LEU A 61 15.66 16.44 -19.33
N ASP A 62 14.44 16.36 -19.83
CA ASP A 62 14.13 16.91 -21.17
C ASP A 62 13.81 18.40 -21.11
N ILE A 63 12.98 18.86 -20.17
CA ILE A 63 12.49 20.26 -20.24
C ILE A 63 12.69 20.99 -18.91
N GLY A 64 13.17 20.31 -17.87
CA GLY A 64 13.24 20.89 -16.52
C GLY A 64 14.67 20.90 -16.00
N LYS A 65 14.84 20.74 -14.72
CA LYS A 65 16.17 20.67 -14.06
C LYS A 65 16.10 19.55 -13.07
N VAL A 66 17.14 18.74 -13.04
CA VAL A 66 17.21 17.60 -12.09
C VAL A 66 18.53 17.71 -11.33
N TRP A 67 18.46 17.70 -10.00
CA TRP A 67 19.66 17.50 -9.16
C TRP A 67 19.62 16.10 -8.57
N VAL A 68 20.81 15.60 -8.27
CA VAL A 68 20.99 14.36 -7.49
C VAL A 68 21.97 14.68 -6.35
N ALA A 69 21.82 13.97 -5.24
CA ALA A 69 22.79 13.96 -4.14
C ALA A 69 23.41 12.57 -4.11
N ASP A 70 24.75 12.52 -4.05
CA ASP A 70 25.54 11.27 -3.94
C ASP A 70 25.06 10.31 -5.03
N ASP A 71 25.13 10.77 -6.28
CA ASP A 71 24.90 9.99 -7.52
C ASP A 71 23.49 9.38 -7.56
N GLY A 72 22.54 9.96 -6.81
CA GLY A 72 21.11 9.60 -6.95
C GLY A 72 20.55 8.91 -5.74
N ALA A 73 21.29 8.87 -4.61
CA ALA A 73 20.76 8.53 -3.27
C ALA A 73 19.65 9.53 -2.89
N ALA A 74 19.67 10.72 -3.46
CA ALA A 74 18.52 11.66 -3.47
C ALA A 74 18.39 12.32 -4.84
N VAL A 75 17.19 12.79 -5.18
CA VAL A 75 16.93 13.41 -6.50
C VAL A 75 15.76 14.37 -6.36
N ALA A 76 15.85 15.48 -7.08
CA ALA A 76 14.84 16.54 -7.07
C ALA A 76 14.60 16.87 -8.52
N VAL A 77 13.35 16.85 -8.96
CA VAL A 77 12.98 17.19 -10.35
C VAL A 77 12.11 18.44 -10.36
N TRP A 78 12.50 19.44 -11.15
CA TRP A 78 11.78 20.71 -11.27
C TRP A 78 11.34 20.97 -12.70
N THR A 79 10.25 21.72 -12.83
CA THR A 79 10.01 22.57 -14.02
C THR A 79 10.34 24.01 -13.63
N THR A 80 10.82 24.80 -14.60
CA THR A 80 11.27 26.18 -14.38
C THR A 80 10.49 27.09 -15.32
N PRO A 81 10.63 28.43 -15.18
CA PRO A 81 10.09 29.35 -16.19
C PRO A 81 10.62 29.07 -17.61
N GLU A 82 11.73 28.39 -17.79
CA GLU A 82 12.28 28.01 -19.13
C GLU A 82 11.55 26.77 -19.68
N SER A 83 10.80 26.04 -18.84
CA SER A 83 10.10 24.78 -19.20
C SER A 83 8.84 25.11 -20.01
N VAL A 84 8.97 25.88 -21.09
CA VAL A 84 7.83 26.41 -21.91
C VAL A 84 7.05 25.28 -22.58
N GLU A 85 7.69 24.12 -22.81
CA GLU A 85 7.07 22.92 -23.42
C GLU A 85 6.29 22.10 -22.38
N ALA A 86 6.23 22.53 -21.11
CA ALA A 86 5.62 21.75 -20.00
C ALA A 86 4.22 21.29 -20.41
N GLY A 87 3.37 22.21 -20.89
CA GLY A 87 2.00 21.92 -21.34
C GLY A 87 1.98 20.81 -22.37
N ALA A 88 2.77 20.94 -23.44
CA ALA A 88 2.85 19.94 -24.53
C ALA A 88 3.29 18.59 -23.95
N VAL A 89 4.27 18.59 -23.04
CA VAL A 89 4.84 17.32 -22.50
C VAL A 89 3.80 16.64 -21.62
N PHE A 90 3.16 17.39 -20.71
CA PHE A 90 2.10 16.88 -19.81
C PHE A 90 0.98 16.30 -20.68
N ALA A 91 0.66 16.95 -21.80
CA ALA A 91 -0.38 16.49 -22.74
C ALA A 91 0.08 15.18 -23.38
N GLU A 92 1.36 15.06 -23.73
CA GLU A 92 1.91 13.84 -24.37
C GLU A 92 1.91 12.67 -23.37
N ILE A 93 2.29 12.92 -22.10
CA ILE A 93 2.47 11.81 -21.11
C ILE A 93 1.17 11.60 -20.30
N GLY A 94 0.21 12.53 -20.34
CA GLY A 94 -1.10 12.42 -19.68
C GLY A 94 -1.73 11.04 -19.87
N PRO A 95 -1.92 10.54 -21.12
CA PRO A 95 -2.52 9.22 -21.36
C PRO A 95 -1.80 8.06 -20.64
N ARG A 96 -0.46 8.05 -20.68
CA ARG A 96 0.31 7.01 -19.94
C ARG A 96 0.03 7.11 -18.42
N MET A 97 -0.03 8.31 -17.85
N MET A 97 -0.02 8.32 -17.85
CA MET A 97 -0.23 8.51 -16.40
CA MET A 97 -0.24 8.53 -16.39
C MET A 97 -1.63 8.01 -16.00
C MET A 97 -1.63 8.01 -16.00
N ALA A 98 -2.63 8.27 -16.85
CA ALA A 98 -4.02 7.75 -16.73
C ALA A 98 -3.99 6.22 -16.72
N GLU A 99 -3.36 5.60 -17.72
CA GLU A 99 -3.24 4.11 -17.76
C GLU A 99 -2.56 3.62 -16.47
N LEU A 100 -1.49 4.27 -16.02
CA LEU A 100 -0.77 3.79 -14.81
C LEU A 100 -1.68 3.96 -13.58
N SER A 101 -2.55 4.98 -13.56
CA SER A 101 -3.55 5.16 -12.48
C SER A 101 -4.48 3.94 -12.43
N GLY A 102 -4.82 3.40 -13.60
CA GLY A 102 -5.67 2.22 -13.77
C GLY A 102 -7.00 2.42 -13.09
N SER A 103 -7.36 1.57 -12.13
CA SER A 103 -8.68 1.59 -11.44
C SER A 103 -8.76 2.73 -10.41
N ARG A 104 -7.67 3.47 -10.20
CA ARG A 104 -7.70 4.67 -9.32
C ARG A 104 -7.79 5.96 -10.15
N LEU A 105 -8.22 5.89 -11.42
CA LEU A 105 -8.27 7.07 -12.31
C LEU A 105 -9.17 8.15 -11.70
N ALA A 106 -10.33 7.81 -11.13
CA ALA A 106 -11.28 8.81 -10.59
C ALA A 106 -10.60 9.56 -9.42
N ALA A 107 -9.78 8.86 -8.62
CA ALA A 107 -8.99 9.46 -7.53
C ALA A 107 -7.88 10.38 -8.08
N GLN A 108 -7.18 9.98 -9.13
CA GLN A 108 -6.19 10.81 -9.84
C GLN A 108 -6.88 12.10 -10.32
N GLN A 109 -8.04 11.96 -10.99
CA GLN A 109 -8.78 13.12 -11.58
C GLN A 109 -9.27 14.04 -10.44
N GLN A 110 -9.81 13.47 -9.36
CA GLN A 110 -10.29 14.19 -8.17
C GLN A 110 -9.18 15.09 -7.63
N MET A 111 -8.01 14.50 -7.38
CA MET A 111 -6.88 15.23 -6.77
C MET A 111 -6.42 16.33 -7.72
N GLU A 112 -6.30 16.03 -9.01
CA GLU A 112 -5.87 17.04 -10.02
C GLU A 112 -6.86 18.21 -10.01
N GLY A 113 -8.16 17.92 -10.04
CA GLY A 113 -9.22 18.95 -9.97
C GLY A 113 -9.11 19.81 -8.72
N LEU A 114 -8.83 19.20 -7.57
CA LEU A 114 -8.79 19.89 -6.26
C LEU A 114 -7.54 20.79 -6.19
N LEU A 115 -6.43 20.38 -6.80
CA LEU A 115 -5.12 21.09 -6.61
C LEU A 115 -4.89 22.13 -7.70
N ALA A 116 -5.29 21.85 -8.94
CA ALA A 116 -4.94 22.71 -10.11
C ALA A 116 -5.20 24.19 -9.80
N PRO A 117 -6.35 24.57 -9.20
CA PRO A 117 -6.62 25.97 -8.93
C PRO A 117 -5.67 26.67 -7.95
N HIS A 118 -4.90 25.92 -7.15
CA HIS A 118 -3.98 26.48 -6.12
C HIS A 118 -2.55 26.51 -6.63
N ARG A 119 -2.34 26.08 -7.88
CA ARG A 119 -1.03 26.11 -8.55
C ARG A 119 -0.75 27.52 -9.07
N PRO A 120 0.55 27.88 -9.20
CA PRO A 120 0.93 29.22 -9.62
C PRO A 120 0.37 29.57 -11.00
N LYS A 121 -0.17 30.78 -11.14
CA LYS A 121 -0.69 31.36 -12.42
C LYS A 121 0.42 32.16 -13.12
N GLU A 122 1.60 32.28 -12.50
CA GLU A 122 2.76 33.05 -13.02
C GLU A 122 3.92 32.07 -13.17
N PRO A 123 5.00 32.41 -13.91
CA PRO A 123 6.14 31.50 -14.02
C PRO A 123 6.64 31.12 -12.62
N ALA A 124 7.07 29.86 -12.45
CA ALA A 124 7.48 29.32 -11.14
C ALA A 124 8.52 28.22 -11.31
N TRP A 125 9.32 28.02 -10.25
CA TRP A 125 10.04 26.76 -10.00
C TRP A 125 9.06 25.82 -9.26
N PHE A 126 8.62 24.78 -9.95
CA PHE A 126 7.62 23.80 -9.48
C PHE A 126 8.34 22.47 -9.28
N LEU A 127 8.44 22.03 -8.03
CA LEU A 127 9.07 20.73 -7.68
C LEU A 127 8.12 19.61 -8.08
N ALA A 128 8.46 18.86 -9.12
CA ALA A 128 7.62 17.81 -9.72
C ALA A 128 7.65 16.55 -8.87
N THR A 129 8.84 16.16 -8.39
CA THR A 129 9.01 14.98 -7.51
C THR A 129 10.37 15.16 -6.83
N VAL A 130 10.50 14.58 -5.66
CA VAL A 130 11.78 14.54 -4.91
C VAL A 130 11.75 13.23 -4.14
N GLY A 131 12.91 12.65 -3.90
CA GLY A 131 12.99 11.44 -3.08
C GLY A 131 14.38 11.26 -2.51
N VAL A 132 14.43 10.69 -1.33
CA VAL A 132 15.69 10.23 -0.68
C VAL A 132 15.55 8.74 -0.44
N SER A 133 16.57 7.97 -0.81
CA SER A 133 16.67 6.52 -0.53
C SER A 133 16.39 6.30 0.96
N PRO A 134 15.43 5.42 1.34
CA PRO A 134 15.13 5.14 2.75
C PRO A 134 16.35 4.80 3.61
N ASP A 135 17.35 4.14 3.01
CA ASP A 135 18.65 3.80 3.64
C ASP A 135 19.36 5.07 4.12
N HIS A 136 19.24 6.18 3.37
CA HIS A 136 20.07 7.40 3.55
C HIS A 136 19.23 8.56 4.08
N GLN A 137 18.08 8.28 4.67
CA GLN A 137 17.13 9.33 5.14
C GLN A 137 17.67 9.92 6.45
N GLY A 138 17.20 11.11 6.82
CA GLY A 138 17.64 11.88 8.01
C GLY A 138 19.14 12.16 8.06
N LYS A 139 19.82 12.42 6.93
CA LYS A 139 21.28 12.77 6.90
C LYS A 139 21.54 14.04 6.08
N GLY A 140 20.51 14.80 5.73
CA GLY A 140 20.62 16.11 5.06
C GLY A 140 20.59 16.03 3.54
N LEU A 141 20.47 14.83 2.94
CA LEU A 141 20.40 14.65 1.45
C LEU A 141 19.18 15.40 0.90
N GLY A 142 18.03 15.30 1.58
CA GLY A 142 16.79 15.95 1.14
C GLY A 142 16.94 17.44 0.98
N SER A 143 17.41 18.12 2.04
CA SER A 143 17.64 19.58 2.08
C SER A 143 18.70 19.95 1.03
N ALA A 144 19.77 19.18 0.95
CA ALA A 144 20.89 19.47 0.03
C ALA A 144 20.42 19.36 -1.43
N VAL A 145 19.53 18.41 -1.77
CA VAL A 145 19.22 18.17 -3.22
C VAL A 145 18.15 19.17 -3.64
N VAL A 146 17.37 19.68 -2.68
CA VAL A 146 16.25 20.63 -2.99
C VAL A 146 16.78 22.07 -3.01
N LEU A 147 17.81 22.41 -2.22
CA LEU A 147 18.23 23.82 -1.99
C LEU A 147 18.62 24.48 -3.31
N PRO A 148 19.31 23.82 -4.28
CA PRO A 148 19.75 24.51 -5.50
C PRO A 148 18.59 25.10 -6.31
N GLY A 149 17.48 24.36 -6.43
CA GLY A 149 16.30 24.86 -7.15
C GLY A 149 15.64 26.00 -6.40
N VAL A 150 15.58 25.91 -5.07
CA VAL A 150 15.09 26.98 -4.18
C VAL A 150 15.98 28.23 -4.36
N GLU A 151 17.31 28.10 -4.31
CA GLU A 151 18.23 29.24 -4.62
C GLU A 151 17.96 29.80 -6.03
N ALA A 152 17.74 28.95 -7.03
CA ALA A 152 17.57 29.38 -8.43
C ALA A 152 16.26 30.15 -8.58
N ALA A 153 15.19 29.73 -7.90
CA ALA A 153 13.89 30.42 -7.96
C ALA A 153 14.08 31.84 -7.42
N GLU A 154 14.73 31.94 -6.27
CA GLU A 154 14.93 33.25 -5.57
C GLU A 154 15.76 34.17 -6.48
N ARG A 155 16.80 33.65 -7.11
CA ARG A 155 17.67 34.42 -8.03
C ARG A 155 16.83 34.93 -9.21
N ALA A 156 15.89 34.13 -9.72
CA ALA A 156 15.07 34.53 -10.88
C ALA A 156 13.93 35.46 -10.42
N GLY A 157 13.72 35.61 -9.11
CA GLY A 157 12.64 36.46 -8.60
C GLY A 157 11.28 35.85 -8.93
N VAL A 158 11.17 34.52 -8.97
CA VAL A 158 9.85 33.83 -9.11
C VAL A 158 9.65 32.92 -7.91
N PRO A 159 8.38 32.56 -7.62
CA PRO A 159 8.09 31.62 -6.54
C PRO A 159 8.59 30.20 -6.85
N ALA A 160 9.00 29.52 -5.78
CA ALA A 160 9.11 28.06 -5.75
C ALA A 160 7.77 27.51 -5.22
N PHE A 161 7.35 26.37 -5.73
CA PHE A 161 6.02 25.78 -5.46
C PHE A 161 6.13 24.27 -5.43
N LEU A 162 5.40 23.69 -4.50
CA LEU A 162 5.30 22.22 -4.43
C LEU A 162 3.99 21.81 -3.74
N GLU A 163 3.65 20.55 -3.94
CA GLU A 163 2.50 19.90 -3.29
C GLU A 163 2.98 18.68 -2.53
N THR A 164 2.45 18.47 -1.32
CA THR A 164 2.77 17.25 -0.53
C THR A 164 1.50 16.71 0.17
N SER A 165 1.39 15.40 0.22
CA SER A 165 0.34 14.66 0.95
C SER A 165 0.94 13.97 2.16
N ALA A 166 2.20 14.24 2.48
CA ALA A 166 2.85 13.65 3.68
C ALA A 166 3.07 14.73 4.74
N PRO A 167 2.26 14.76 5.81
CA PRO A 167 2.39 15.81 6.82
C PRO A 167 3.79 15.86 7.43
N ARG A 168 4.49 14.74 7.53
CA ARG A 168 5.87 14.72 8.09
C ARG A 168 6.83 15.53 7.21
N ASN A 169 6.44 15.91 5.99
CA ASN A 169 7.29 16.73 5.09
C ASN A 169 7.16 18.23 5.41
N LEU A 170 6.08 18.64 6.08
CA LEU A 170 5.78 20.09 6.23
C LEU A 170 6.94 20.78 6.95
N PRO A 171 7.49 20.22 8.07
CA PRO A 171 8.61 20.86 8.74
C PRO A 171 9.83 21.04 7.83
N PHE A 172 10.13 20.02 7.05
CA PHE A 172 11.28 19.99 6.11
C PHE A 172 11.18 21.19 5.17
N TYR A 173 10.01 21.43 4.56
CA TYR A 173 9.82 22.52 3.57
C TYR A 173 9.73 23.87 4.28
N GLU A 174 9.18 23.86 5.50
CA GLU A 174 9.05 25.12 6.28
C GLU A 174 10.46 25.65 6.56
N ARG A 175 11.39 24.75 6.90
CA ARG A 175 12.78 25.12 7.23
C ARG A 175 13.45 25.78 6.01
N LEU A 176 13.02 25.45 4.79
CA LEU A 176 13.59 26.03 3.55
C LEU A 176 12.85 27.31 3.21
N GLY A 177 11.86 27.73 4.03
CA GLY A 177 11.17 29.02 3.85
C GLY A 177 9.84 28.92 3.08
N PHE A 178 9.35 27.72 2.78
CA PHE A 178 8.00 27.51 2.18
C PHE A 178 6.91 27.73 3.22
N THR A 179 5.79 28.29 2.78
CA THR A 179 4.58 28.43 3.60
C THR A 179 3.43 27.69 2.91
N VAL A 180 2.59 27.10 3.73
CA VAL A 180 1.35 26.45 3.27
C VAL A 180 0.47 27.55 2.68
N THR A 181 0.18 27.47 1.39
CA THR A 181 -0.74 28.41 0.71
C THR A 181 -2.08 27.74 0.43
N ALA A 182 -2.19 26.41 0.51
CA ALA A 182 -3.48 25.70 0.41
C ALA A 182 -3.41 24.45 1.27
N ASP A 183 -4.43 24.30 2.13
CA ASP A 183 -4.61 23.11 3.00
C ASP A 183 -5.86 22.41 2.46
N VAL A 184 -5.69 21.35 1.66
CA VAL A 184 -6.79 20.81 0.82
C VAL A 184 -7.25 19.47 1.37
N GLU A 185 -8.49 19.44 1.86
CA GLU A 185 -9.16 18.19 2.27
C GLU A 185 -9.56 17.45 0.98
N VAL A 186 -9.17 16.20 0.83
CA VAL A 186 -9.53 15.36 -0.34
C VAL A 186 -10.54 14.34 0.18
N PRO A 187 -11.86 14.50 -0.14
CA PRO A 187 -12.91 13.56 0.28
C PRO A 187 -12.50 12.10 0.00
N GLU A 188 -12.43 11.28 1.06
CA GLU A 188 -12.04 9.86 1.02
C GLU A 188 -10.60 9.71 0.50
N GLY A 189 -9.76 10.72 0.72
CA GLY A 189 -8.38 10.79 0.20
C GLY A 189 -7.44 11.49 1.16
N PRO A 190 -6.15 11.62 0.79
CA PRO A 190 -5.15 12.17 1.67
C PRO A 190 -5.17 13.70 1.72
N ARG A 191 -5.12 14.25 2.93
CA ARG A 191 -5.02 15.71 3.10
C ARG A 191 -3.74 16.17 2.40
N THR A 192 -3.82 17.27 1.66
CA THR A 192 -2.72 17.70 0.77
C THR A 192 -2.39 19.18 0.99
N TRP A 193 -1.11 19.51 1.10
CA TRP A 193 -0.65 20.90 1.28
C TRP A 193 0.09 21.40 0.05
N CYS A 194 -0.34 22.55 -0.45
CA CYS A 194 0.39 23.32 -1.50
C CYS A 194 1.24 24.33 -0.75
N MET A 195 2.51 24.42 -1.14
CA MET A 195 3.51 25.25 -0.43
C MET A 195 4.21 26.17 -1.44
N THR A 196 4.29 27.45 -1.08
CA THR A 196 4.89 28.50 -1.92
C THR A 196 6.06 29.12 -1.14
N ARG A 197 7.16 29.37 -1.83
CA ARG A 197 8.25 30.21 -1.27
C ARG A 197 8.44 31.37 -2.24
N LYS A 198 8.00 32.57 -1.83
N LYS A 198 8.00 32.56 -1.85
CA LYS A 198 8.25 33.81 -2.60
CA LYS A 198 8.26 33.79 -2.64
C LYS A 198 9.73 34.12 -2.46
C LYS A 198 9.73 34.12 -2.46
N PRO A 199 10.35 34.86 -3.41
CA PRO A 199 11.76 35.22 -3.29
C PRO A 199 12.04 36.03 -2.01
N GLY A 200 13.06 35.60 -1.25
CA GLY A 200 13.49 36.27 -0.01
C GLY A 200 12.66 35.88 1.20
N ALA A 201 11.79 34.87 1.09
CA ALA A 201 10.92 34.44 2.21
C ALA A 201 11.77 33.98 3.40
N SER A 202 13.01 33.59 3.16
CA SER A 202 14.00 33.17 4.18
C SER A 202 15.41 33.47 3.69
N LYS B 7 9.87 -24.38 21.87
CA LYS B 7 8.54 -24.62 21.25
C LYS B 7 7.62 -23.45 21.56
N PRO B 8 6.80 -22.99 20.61
CA PRO B 8 5.74 -22.01 20.91
C PRO B 8 4.59 -22.60 21.75
N THR B 9 4.01 -21.79 22.65
CA THR B 9 2.86 -22.21 23.47
C THR B 9 1.55 -21.90 22.70
N VAL B 10 0.84 -22.95 22.31
CA VAL B 10 -0.41 -22.89 21.51
C VAL B 10 -1.60 -23.27 22.39
N ARG B 11 -2.66 -22.45 22.41
CA ARG B 11 -3.95 -22.73 23.11
C ARG B 11 -5.10 -21.97 22.41
N LEU B 12 -6.33 -22.25 22.82
CA LEU B 12 -7.51 -21.47 22.37
C LEU B 12 -7.37 -20.04 22.89
N ALA B 13 -7.80 -19.06 22.07
CA ALA B 13 -7.80 -17.64 22.42
C ALA B 13 -8.90 -17.40 23.45
N THR B 14 -8.72 -16.37 24.27
CA THR B 14 -9.77 -15.79 25.16
C THR B 14 -9.92 -14.31 24.76
N ARG B 15 -10.91 -13.66 25.34
CA ARG B 15 -11.19 -12.22 25.12
C ARG B 15 -9.96 -11.41 25.51
N ASP B 16 -9.18 -11.87 26.47
CA ASP B 16 -7.93 -11.22 26.94
C ASP B 16 -6.88 -11.12 25.84
N ASP B 17 -6.85 -12.06 24.89
CA ASP B 17 -5.86 -12.11 23.77
C ASP B 17 -6.27 -11.19 22.60
N VAL B 18 -7.48 -10.62 22.60
CA VAL B 18 -7.99 -9.91 21.39
C VAL B 18 -7.11 -8.72 21.05
N PRO B 19 -6.75 -7.81 21.98
CA PRO B 19 -5.94 -6.67 21.58
C PRO B 19 -4.63 -7.10 20.89
N ARG B 20 -3.90 -8.05 21.50
CA ARG B 20 -2.62 -8.51 20.90
C ARG B 20 -2.89 -9.25 19.59
N ALA B 21 -3.89 -10.13 19.55
CA ALA B 21 -4.21 -10.89 18.30
C ALA B 21 -4.55 -9.90 17.17
N VAL B 22 -5.27 -8.81 17.48
CA VAL B 22 -5.65 -7.77 16.47
C VAL B 22 -4.38 -7.03 15.97
N ARG B 23 -3.50 -6.63 16.88
CA ARG B 23 -2.21 -5.98 16.54
C ARG B 23 -1.39 -6.93 15.63
N THR B 24 -1.34 -8.22 15.96
CA THR B 24 -0.63 -9.25 15.15
C THR B 24 -1.28 -9.30 13.76
N LEU B 25 -2.60 -9.43 13.69
CA LEU B 25 -3.27 -9.58 12.38
C LEU B 25 -3.09 -8.31 11.53
N ALA B 26 -3.18 -7.12 12.11
CA ALA B 26 -3.02 -5.83 11.38
C ALA B 26 -1.60 -5.71 10.81
N ALA B 27 -0.56 -6.04 11.58
CA ALA B 27 0.84 -6.00 11.13
C ALA B 27 1.06 -7.05 10.04
N ALA B 28 0.54 -8.26 10.21
CA ALA B 28 0.77 -9.37 9.27
C ALA B 28 0.11 -9.03 7.93
N PHE B 29 -1.00 -8.26 7.93
CA PHE B 29 -1.79 -7.97 6.72
C PHE B 29 -1.46 -6.57 6.16
N ALA B 30 -0.44 -5.88 6.68
CA ALA B 30 -0.11 -4.48 6.31
C ALA B 30 0.03 -4.35 4.78
N ASP B 31 0.56 -5.36 4.10
CA ASP B 31 0.79 -5.27 2.64
C ASP B 31 0.44 -6.61 1.98
N TYR B 32 -0.70 -7.17 2.32
CA TYR B 32 -1.22 -8.45 1.79
C TYR B 32 -1.98 -8.17 0.49
N PRO B 33 -1.68 -8.87 -0.61
CA PRO B 33 -2.23 -8.54 -1.93
C PRO B 33 -3.76 -8.45 -1.97
N ALA B 34 -4.47 -9.31 -1.25
CA ALA B 34 -5.94 -9.38 -1.35
C ALA B 34 -6.55 -8.17 -0.64
N THR B 35 -6.00 -7.77 0.50
CA THR B 35 -6.50 -6.60 1.26
C THR B 35 -6.13 -5.35 0.46
N ARG B 36 -4.95 -5.30 -0.17
CA ARG B 36 -4.58 -4.12 -0.99
C ARG B 36 -5.55 -3.99 -2.15
N HIS B 37 -5.98 -5.13 -2.71
CA HIS B 37 -6.91 -5.17 -3.86
C HIS B 37 -8.32 -4.76 -3.43
N THR B 38 -8.79 -5.16 -2.26
CA THR B 38 -10.25 -5.14 -1.93
C THR B 38 -10.57 -4.15 -0.81
N VAL B 39 -9.58 -3.44 -0.28
CA VAL B 39 -9.82 -2.49 0.83
C VAL B 39 -9.29 -1.12 0.46
N ASP B 40 -10.14 -0.11 0.57
CA ASP B 40 -9.84 1.32 0.31
C ASP B 40 -8.41 1.67 0.72
N PRO B 41 -7.63 2.36 -0.13
CA PRO B 41 -6.31 2.83 0.24
C PRO B 41 -6.37 3.95 1.30
N ASP B 42 -7.50 4.64 1.42
CA ASP B 42 -7.69 5.67 2.48
C ASP B 42 -7.90 5.01 3.85
N ARG B 43 -7.04 5.34 4.82
CA ARG B 43 -7.02 4.77 6.18
C ARG B 43 -6.99 3.26 6.04
N HIS B 44 -6.12 2.78 5.18
CA HIS B 44 -6.08 1.35 4.78
C HIS B 44 -5.84 0.49 6.02
N ILE B 45 -4.79 0.80 6.79
CA ILE B 45 -4.42 0.00 7.99
C ILE B 45 -5.59 0.02 9.00
N GLU B 46 -6.24 1.16 9.24
CA GLU B 46 -7.39 1.19 10.18
C GLU B 46 -8.53 0.29 9.67
N ARG B 47 -8.80 0.32 8.38
CA ARG B 47 -9.87 -0.51 7.75
C ARG B 47 -9.52 -1.99 7.87
N VAL B 48 -8.28 -2.35 7.54
CA VAL B 48 -7.80 -3.76 7.59
C VAL B 48 -7.86 -4.22 9.05
N THR B 49 -7.52 -3.32 9.98
CA THR B 49 -7.49 -3.65 11.43
C THR B 49 -8.90 -4.01 11.88
N GLU B 50 -9.92 -3.24 11.43
CA GLU B 50 -11.32 -3.49 11.81
C GLU B 50 -11.80 -4.80 11.15
N LEU B 51 -11.50 -5.01 9.87
CA LEU B 51 -11.81 -6.28 9.18
C LEU B 51 -11.24 -7.48 9.95
N GLN B 52 -9.99 -7.39 10.42
CA GLN B 52 -9.34 -8.51 11.17
C GLN B 52 -10.05 -8.71 12.51
N GLU B 53 -10.34 -7.63 13.23
CA GLU B 53 -11.03 -7.73 14.53
C GLU B 53 -12.42 -8.35 14.33
N LEU B 54 -13.11 -7.97 13.26
CA LEU B 54 -14.47 -8.52 12.95
C LEU B 54 -14.34 -10.02 12.79
N PHE B 55 -13.37 -10.47 12.02
CA PHE B 55 -13.20 -11.91 11.75
C PHE B 55 -12.82 -12.61 13.05
N LEU B 56 -11.98 -11.97 13.87
CA LEU B 56 -11.47 -12.59 15.11
C LEU B 56 -12.66 -12.81 16.05
N THR B 57 -13.51 -11.78 16.24
CA THR B 57 -14.50 -11.77 17.35
C THR B 57 -15.81 -12.36 16.83
N ARG B 58 -16.37 -11.79 15.76
CA ARG B 58 -17.74 -12.13 15.33
C ARG B 58 -17.76 -13.48 14.61
N VAL B 59 -16.65 -13.89 13.98
CA VAL B 59 -16.55 -15.22 13.30
C VAL B 59 -15.84 -16.20 14.25
N GLY B 60 -14.58 -15.97 14.57
CA GLY B 60 -13.75 -16.85 15.41
C GLY B 60 -14.31 -17.09 16.81
N LEU B 61 -14.31 -16.08 17.69
CA LEU B 61 -14.63 -16.33 19.11
C LEU B 61 -16.11 -16.70 19.24
N ASP B 62 -16.98 -16.19 18.37
CA ASP B 62 -18.44 -16.39 18.54
C ASP B 62 -18.87 -17.73 17.95
N ILE B 63 -18.46 -18.09 16.73
CA ILE B 63 -19.07 -19.29 16.09
C ILE B 63 -18.01 -20.25 15.56
N GLY B 64 -16.71 -19.93 15.72
CA GLY B 64 -15.63 -20.71 15.12
C GLY B 64 -14.69 -21.23 16.18
N LYS B 65 -13.43 -21.38 15.82
CA LYS B 65 -12.36 -21.75 16.75
C LYS B 65 -11.21 -20.80 16.50
N VAL B 66 -10.57 -20.35 17.56
CA VAL B 66 -9.40 -19.45 17.46
C VAL B 66 -8.27 -20.04 18.29
N TRP B 67 -7.11 -20.25 17.68
CA TRP B 67 -5.87 -20.53 18.45
C TRP B 67 -4.99 -19.32 18.42
N VAL B 68 -4.15 -19.22 19.43
CA VAL B 68 -3.04 -18.25 19.51
C VAL B 68 -1.76 -19.04 19.86
N ALA B 69 -0.64 -18.53 19.38
CA ALA B 69 0.71 -18.94 19.80
C ALA B 69 1.28 -17.77 20.59
N ASP B 70 1.86 -18.09 21.76
CA ASP B 70 2.58 -17.12 22.63
C ASP B 70 1.66 -15.91 22.84
N ASP B 71 0.44 -16.16 23.33
CA ASP B 71 -0.53 -15.15 23.80
C ASP B 71 -0.92 -14.17 22.68
N GLY B 72 -0.78 -14.57 21.41
CA GLY B 72 -1.29 -13.83 20.25
C GLY B 72 -0.22 -13.26 19.37
N ALA B 73 1.05 -13.63 19.58
CA ALA B 73 2.17 -13.39 18.62
C ALA B 73 1.85 -14.09 17.29
N ALA B 74 1.05 -15.15 17.31
CA ALA B 74 0.37 -15.70 16.12
C ALA B 74 -1.06 -16.06 16.46
N VAL B 75 -1.94 -16.11 15.45
CA VAL B 75 -3.39 -16.38 15.68
C VAL B 75 -3.96 -16.99 14.41
N ALA B 76 -4.85 -17.95 14.58
CA ALA B 76 -5.49 -18.68 13.49
C ALA B 76 -6.98 -18.67 13.80
N VAL B 77 -7.82 -18.26 12.85
CA VAL B 77 -9.28 -18.19 13.02
C VAL B 77 -9.95 -19.14 12.03
N TRP B 78 -10.75 -20.07 12.53
CA TRP B 78 -11.45 -21.08 11.71
C TRP B 78 -12.95 -20.97 11.87
N THR B 79 -13.66 -21.36 10.84
CA THR B 79 -15.04 -21.89 10.94
C THR B 79 -14.94 -23.42 10.82
N THR B 80 -15.84 -24.12 11.50
CA THR B 80 -15.85 -25.58 11.63
C THR B 80 -17.19 -26.11 11.15
N PRO B 81 -17.32 -27.45 10.99
CA PRO B 81 -18.63 -28.07 10.77
C PRO B 81 -19.70 -27.68 11.81
N GLU B 82 -19.29 -27.29 13.01
CA GLU B 82 -20.24 -26.84 14.09
C GLU B 82 -20.66 -25.37 13.87
N SER B 83 -19.98 -24.61 12.98
CA SER B 83 -20.21 -23.16 12.74
C SER B 83 -21.47 -23.00 11.87
N VAL B 84 -22.60 -23.56 12.31
CA VAL B 84 -23.87 -23.62 11.52
C VAL B 84 -24.44 -22.20 11.30
N GLU B 85 -24.10 -21.24 12.17
CA GLU B 85 -24.52 -19.81 12.08
C GLU B 85 -23.60 -19.01 11.14
N ALA B 86 -22.58 -19.62 10.53
CA ALA B 86 -21.59 -18.90 9.69
C ALA B 86 -22.31 -18.02 8.65
N GLY B 87 -23.26 -18.62 7.90
CA GLY B 87 -24.06 -17.93 6.87
C GLY B 87 -24.74 -16.71 7.46
N ALA B 88 -25.50 -16.88 8.55
CA ALA B 88 -26.19 -15.77 9.25
C ALA B 88 -25.18 -14.68 9.64
N VAL B 89 -24.03 -15.05 10.18
CA VAL B 89 -23.04 -14.04 10.69
C VAL B 89 -22.42 -13.30 9.50
N PHE B 90 -22.00 -14.00 8.44
CA PHE B 90 -21.45 -13.35 7.21
C PHE B 90 -22.50 -12.36 6.68
N ALA B 91 -23.78 -12.73 6.73
CA ALA B 91 -24.88 -11.86 6.27
C ALA B 91 -24.98 -10.65 7.22
N GLU B 92 -24.78 -10.85 8.52
CA GLU B 92 -24.87 -9.75 9.51
C GLU B 92 -23.67 -8.79 9.33
N ILE B 93 -22.46 -9.30 9.08
CA ILE B 93 -21.23 -8.45 9.03
C ILE B 93 -20.94 -7.99 7.59
N GLY B 94 -21.58 -8.58 6.58
CA GLY B 94 -21.52 -8.20 5.15
C GLY B 94 -21.52 -6.69 4.96
N PRO B 95 -22.54 -5.94 5.46
CA PRO B 95 -22.59 -4.49 5.25
C PRO B 95 -21.39 -3.72 5.82
N ARG B 96 -20.93 -4.09 7.03
CA ARG B 96 -19.70 -3.45 7.58
C ARG B 96 -18.48 -3.73 6.68
N MET B 97 -18.33 -4.95 6.15
CA MET B 97 -17.16 -5.34 5.31
C MET B 97 -17.20 -4.55 4.00
N ALA B 98 -18.39 -4.36 3.42
CA ALA B 98 -18.66 -3.50 2.26
C ALA B 98 -18.22 -2.07 2.55
N GLU B 99 -18.71 -1.48 3.65
CA GLU B 99 -18.31 -0.09 4.05
C GLU B 99 -16.78 -0.05 4.18
N LEU B 100 -16.15 -1.05 4.83
CA LEU B 100 -14.68 -1.00 5.02
C LEU B 100 -13.98 -1.10 3.65
N SER B 101 -14.56 -1.84 2.71
CA SER B 101 -14.01 -1.95 1.32
C SER B 101 -14.00 -0.57 0.68
N GLY B 102 -15.03 0.22 0.97
CA GLY B 102 -15.18 1.62 0.50
C GLY B 102 -15.10 1.66 -1.01
N SER B 103 -14.16 2.41 -1.57
CA SER B 103 -14.02 2.63 -3.04
C SER B 103 -13.47 1.37 -3.74
N ARG B 104 -13.07 0.33 -2.99
CA ARG B 104 -12.63 -0.95 -3.60
C ARG B 104 -13.76 -1.99 -3.58
N LEU B 105 -15.04 -1.57 -3.41
CA LEU B 105 -16.19 -2.51 -3.31
C LEU B 105 -16.22 -3.45 -4.52
N ALA B 106 -16.03 -2.95 -5.74
CA ALA B 106 -16.16 -3.76 -6.97
C ALA B 106 -15.06 -4.84 -6.99
N ALA B 107 -13.87 -4.51 -6.48
CA ALA B 107 -12.75 -5.47 -6.32
C ALA B 107 -13.10 -6.54 -5.27
N GLN B 108 -13.66 -6.15 -4.14
CA GLN B 108 -14.15 -7.11 -3.10
C GLN B 108 -15.18 -8.06 -3.74
N GLN B 109 -16.17 -7.52 -4.46
CA GLN B 109 -17.25 -8.32 -5.09
C GLN B 109 -16.64 -9.30 -6.11
N GLN B 110 -15.73 -8.80 -6.97
CA GLN B 110 -15.05 -9.56 -8.03
C GLN B 110 -14.39 -10.80 -7.43
N MET B 111 -13.58 -10.58 -6.40
CA MET B 111 -12.80 -11.66 -5.79
C MET B 111 -13.75 -12.68 -5.16
N GLU B 112 -14.78 -12.22 -4.43
CA GLU B 112 -15.77 -13.14 -3.82
C GLU B 112 -16.44 -13.99 -4.91
N GLY B 113 -16.89 -13.38 -6.00
CA GLY B 113 -17.52 -14.11 -7.13
C GLY B 113 -16.56 -15.14 -7.72
N LEU B 114 -15.27 -14.81 -7.85
CA LEU B 114 -14.27 -15.67 -8.53
C LEU B 114 -13.95 -16.87 -7.65
N LEU B 115 -13.98 -16.67 -6.34
CA LEU B 115 -13.56 -17.73 -5.38
C LEU B 115 -14.72 -18.59 -4.91
N ALA B 116 -15.91 -18.02 -4.73
CA ALA B 116 -17.07 -18.73 -4.11
C ALA B 116 -17.25 -20.12 -4.73
N PRO B 117 -17.20 -20.29 -6.06
CA PRO B 117 -17.44 -21.61 -6.65
C PRO B 117 -16.39 -22.67 -6.32
N HIS B 118 -15.22 -22.27 -5.82
CA HIS B 118 -14.09 -23.21 -5.52
C HIS B 118 -14.08 -23.56 -4.03
N ARG B 119 -15.01 -23.01 -3.26
CA ARG B 119 -15.11 -23.27 -1.80
C ARG B 119 -15.83 -24.59 -1.54
N PRO B 120 -15.55 -25.22 -0.39
CA PRO B 120 -16.11 -26.54 -0.09
C PRO B 120 -17.65 -26.56 -0.06
N LYS B 121 -18.22 -27.60 -0.66
CA LYS B 121 -19.68 -27.85 -0.79
C LYS B 121 -20.19 -28.72 0.37
N GLU B 122 -19.31 -29.12 1.28
CA GLU B 122 -19.57 -30.07 2.38
C GLU B 122 -19.01 -29.42 3.63
N PRO B 123 -19.35 -29.88 4.86
CA PRO B 123 -18.78 -29.28 6.06
C PRO B 123 -17.24 -29.38 6.00
N ALA B 124 -16.56 -28.37 6.53
CA ALA B 124 -15.12 -28.16 6.38
C ALA B 124 -14.58 -27.35 7.55
N TRP B 125 -13.29 -27.55 7.85
CA TRP B 125 -12.48 -26.57 8.58
C TRP B 125 -11.94 -25.56 7.57
N PHE B 126 -12.45 -24.32 7.63
CA PHE B 126 -12.14 -23.22 6.69
C PHE B 126 -11.36 -22.18 7.50
N LEU B 127 -10.10 -21.99 7.15
CA LEU B 127 -9.22 -20.98 7.79
C LEU B 127 -9.65 -19.60 7.30
N ALA B 128 -10.23 -18.79 8.19
CA ALA B 128 -10.79 -17.45 7.89
C ALA B 128 -9.67 -16.43 7.75
N THR B 129 -8.72 -16.47 8.67
CA THR B 129 -7.55 -15.55 8.69
C THR B 129 -6.51 -16.22 9.57
N VAL B 130 -5.26 -15.89 9.32
CA VAL B 130 -4.11 -16.34 10.17
C VAL B 130 -3.09 -15.23 10.08
N GLY B 131 -2.33 -15.03 11.14
CA GLY B 131 -1.24 -14.07 11.10
C GLY B 131 -0.17 -14.41 12.09
N VAL B 132 1.06 -14.05 11.77
CA VAL B 132 2.21 -14.06 12.71
C VAL B 132 2.76 -12.65 12.76
N SER B 133 3.01 -12.14 13.97
CA SER B 133 3.70 -10.84 14.18
C SER B 133 4.99 -10.81 13.35
N PRO B 134 5.21 -9.79 12.49
CA PRO B 134 6.41 -9.71 11.65
C PRO B 134 7.72 -9.85 12.42
N ASP B 135 7.74 -9.38 13.66
CA ASP B 135 8.87 -9.50 14.62
C ASP B 135 9.20 -10.98 14.86
N HIS B 136 8.20 -11.85 14.89
CA HIS B 136 8.32 -13.25 15.35
C HIS B 136 8.16 -14.23 14.17
N GLN B 137 8.33 -13.76 12.93
CA GLN B 137 8.12 -14.57 11.70
C GLN B 137 9.35 -15.49 11.54
N GLY B 138 9.19 -16.56 10.74
CA GLY B 138 10.18 -17.62 10.52
C GLY B 138 10.73 -18.28 11.78
N LYS B 139 9.92 -18.51 12.81
CA LYS B 139 10.34 -19.22 14.07
C LYS B 139 9.36 -20.33 14.45
N GLY B 140 8.46 -20.72 13.54
CA GLY B 140 7.55 -21.87 13.67
C GLY B 140 6.22 -21.55 14.34
N LEU B 141 5.96 -20.29 14.72
CA LEU B 141 4.64 -19.88 15.31
C LEU B 141 3.51 -20.19 14.33
N GLY B 142 3.72 -19.87 13.04
CA GLY B 142 2.73 -20.08 11.97
C GLY B 142 2.26 -21.53 11.90
N SER B 143 3.20 -22.47 11.74
CA SER B 143 2.92 -23.92 11.66
C SER B 143 2.29 -24.39 12.99
N ALA B 144 2.81 -23.94 14.12
CA ALA B 144 2.27 -24.35 15.44
C ALA B 144 0.83 -23.86 15.63
N VAL B 145 0.45 -22.65 15.15
CA VAL B 145 -0.89 -22.08 15.51
C VAL B 145 -1.92 -22.67 14.54
N VAL B 146 -1.47 -23.12 13.37
CA VAL B 146 -2.39 -23.64 12.31
C VAL B 146 -2.62 -25.14 12.53
N LEU B 147 -1.64 -25.87 13.07
CA LEU B 147 -1.66 -27.36 13.11
C LEU B 147 -2.89 -27.87 13.85
N PRO B 148 -3.35 -27.27 14.99
CA PRO B 148 -4.46 -27.83 15.73
C PRO B 148 -5.77 -27.91 14.93
N GLY B 149 -6.06 -26.91 14.12
CA GLY B 149 -7.25 -26.93 13.25
C GLY B 149 -7.12 -27.99 12.17
N VAL B 150 -5.92 -28.12 11.62
CA VAL B 150 -5.61 -29.16 10.59
C VAL B 150 -5.75 -30.54 11.24
N GLU B 151 -5.20 -30.76 12.42
CA GLU B 151 -5.42 -32.05 13.15
C GLU B 151 -6.91 -32.28 13.44
N ALA B 152 -7.67 -31.25 13.80
CA ALA B 152 -9.11 -31.37 14.14
C ALA B 152 -9.89 -31.76 12.89
N ALA B 153 -9.54 -31.20 11.72
CA ALA B 153 -10.27 -31.49 10.47
C ALA B 153 -10.08 -32.98 10.14
N GLU B 154 -8.84 -33.44 10.24
CA GLU B 154 -8.49 -34.86 9.94
C GLU B 154 -9.24 -35.79 10.92
N ARG B 155 -9.28 -35.45 12.19
CA ARG B 155 -9.97 -36.26 13.23
C ARG B 155 -11.47 -36.29 12.91
N ALA B 156 -12.06 -35.21 12.41
CA ALA B 156 -13.50 -35.19 12.07
C ALA B 156 -13.75 -35.80 10.69
N GLY B 157 -12.71 -36.15 9.95
CA GLY B 157 -12.88 -36.72 8.59
C GLY B 157 -13.50 -35.72 7.63
N VAL B 158 -13.22 -34.43 7.79
CA VAL B 158 -13.66 -33.38 6.81
C VAL B 158 -12.43 -32.67 6.25
N PRO B 159 -12.58 -31.99 5.09
CA PRO B 159 -11.48 -31.22 4.51
C PRO B 159 -11.14 -29.97 5.33
N ALA B 160 -9.86 -29.63 5.34
CA ALA B 160 -9.37 -28.30 5.75
C ALA B 160 -9.22 -27.47 4.47
N PHE B 161 -9.55 -26.18 4.54
CA PHE B 161 -9.66 -25.31 3.34
C PHE B 161 -9.19 -23.92 3.67
N LEU B 162 -8.49 -23.31 2.73
CA LEU B 162 -8.09 -21.91 2.86
C LEU B 162 -7.84 -21.31 1.46
N GLU B 163 -7.79 -19.98 1.43
CA GLU B 163 -7.47 -19.18 0.25
C GLU B 163 -6.26 -18.30 0.60
N THR B 164 -5.33 -18.15 -0.34
CA THR B 164 -4.20 -17.22 -0.18
C THR B 164 -3.89 -16.49 -1.49
N SER B 165 -3.59 -15.20 -1.38
CA SER B 165 -3.09 -14.36 -2.49
C SER B 165 -1.60 -14.08 -2.34
N ALA B 166 -0.93 -14.71 -1.38
CA ALA B 166 0.54 -14.55 -1.17
C ALA B 166 1.27 -15.82 -1.60
N PRO B 167 1.95 -15.82 -2.78
CA PRO B 167 2.60 -17.02 -3.27
C PRO B 167 3.65 -17.57 -2.28
N ARG B 168 4.28 -16.72 -1.49
CA ARG B 168 5.29 -17.12 -0.48
C ARG B 168 4.63 -18.06 0.56
N ASN B 169 3.30 -18.09 0.65
CA ASN B 169 2.60 -18.95 1.63
C ASN B 169 2.45 -20.39 1.12
N LEU B 170 2.52 -20.60 -0.19
CA LEU B 170 2.18 -21.94 -0.76
C LEU B 170 3.09 -23.02 -0.14
N PRO B 171 4.43 -22.84 -0.06
CA PRO B 171 5.29 -23.84 0.57
C PRO B 171 4.86 -24.18 2.02
N PHE B 172 4.54 -23.14 2.81
CA PHE B 172 4.12 -23.26 4.23
C PHE B 172 2.93 -24.21 4.33
N TYR B 173 1.90 -24.02 3.47
CA TYR B 173 0.64 -24.82 3.52
C TYR B 173 0.89 -26.20 2.91
N GLU B 174 1.78 -26.27 1.93
CA GLU B 174 2.10 -27.57 1.28
C GLU B 174 2.71 -28.48 2.35
N ARG B 175 3.58 -27.94 3.20
CA ARG B 175 4.25 -28.72 4.26
C ARG B 175 3.22 -29.30 5.24
N LEU B 176 2.06 -28.66 5.41
CA LEU B 176 0.97 -29.16 6.30
C LEU B 176 0.07 -30.13 5.54
N GLY B 177 0.35 -30.37 4.26
CA GLY B 177 -0.33 -31.40 3.44
C GLY B 177 -1.46 -30.82 2.59
N PHE B 178 -1.59 -29.50 2.45
CA PHE B 178 -2.56 -28.84 1.54
C PHE B 178 -2.09 -28.97 0.10
N THR B 179 -3.05 -29.11 -0.81
CA THR B 179 -2.84 -29.08 -2.26
C THR B 179 -3.65 -27.90 -2.85
N VAL B 180 -3.06 -27.23 -3.82
CA VAL B 180 -3.76 -26.21 -4.64
C VAL B 180 -4.87 -26.96 -5.35
N THR B 181 -6.12 -26.61 -5.10
CA THR B 181 -7.32 -27.13 -5.79
C THR B 181 -7.89 -26.05 -6.74
N ALA B 182 -7.48 -24.79 -6.63
CA ALA B 182 -7.86 -23.74 -7.63
C ALA B 182 -6.76 -22.69 -7.69
N ASP B 183 -6.31 -22.40 -8.90
CA ASP B 183 -5.27 -21.39 -9.22
C ASP B 183 -6.02 -20.28 -10.00
N VAL B 184 -6.42 -19.20 -9.33
CA VAL B 184 -7.44 -18.26 -9.88
C VAL B 184 -6.76 -16.94 -10.27
N GLU B 185 -6.78 -16.65 -11.58
CA GLU B 185 -6.37 -15.37 -12.18
C GLU B 185 -7.47 -14.35 -11.85
N VAL B 186 -7.13 -13.25 -11.21
CA VAL B 186 -8.08 -12.16 -10.89
C VAL B 186 -7.71 -11.01 -11.81
N PRO B 187 -8.51 -10.74 -12.86
CA PRO B 187 -8.28 -9.61 -13.77
C PRO B 187 -8.01 -8.30 -13.04
N GLU B 188 -6.82 -7.73 -13.27
CA GLU B 188 -6.32 -6.48 -12.65
C GLU B 188 -6.23 -6.68 -11.13
N GLY B 189 -6.00 -7.91 -10.67
CA GLY B 189 -5.99 -8.26 -9.24
C GLY B 189 -4.95 -9.33 -8.93
N PRO B 190 -4.85 -9.74 -7.65
CA PRO B 190 -3.81 -10.68 -7.22
C PRO B 190 -4.19 -12.13 -7.51
N ARG B 191 -3.28 -12.88 -8.08
CA ARG B 191 -3.49 -14.31 -8.33
C ARG B 191 -3.73 -14.98 -6.98
N THR B 192 -4.72 -15.86 -6.90
CA THR B 192 -5.23 -16.40 -5.62
C THR B 192 -5.29 -17.93 -5.70
N TRP B 193 -4.76 -18.61 -4.68
CA TRP B 193 -4.78 -20.09 -4.62
C TRP B 193 -5.73 -20.56 -3.54
N CYS B 194 -6.63 -21.47 -3.92
CA CYS B 194 -7.51 -22.19 -2.98
C CYS B 194 -6.82 -23.51 -2.69
N MET B 195 -6.75 -23.87 -1.41
CA MET B 195 -5.95 -25.02 -0.95
C MET B 195 -6.85 -25.89 -0.07
N THR B 196 -6.84 -27.17 -0.36
CA THR B 196 -7.62 -28.19 0.35
C THR B 196 -6.67 -29.24 0.94
N ARG B 197 -6.94 -29.66 2.16
CA ARG B 197 -6.29 -30.86 2.73
C ARG B 197 -7.41 -31.85 3.07
N LYS B 198 -7.56 -32.90 2.26
CA LYS B 198 -8.50 -34.00 2.57
C LYS B 198 -7.91 -34.76 3.76
N PRO B 199 -8.74 -35.45 4.56
CA PRO B 199 -8.23 -36.22 5.70
C PRO B 199 -7.20 -37.27 5.27
N GLY B 200 -6.06 -37.29 5.96
CA GLY B 200 -4.98 -38.27 5.73
C GLY B 200 -4.06 -37.89 4.58
N ALA B 201 -4.18 -36.68 4.02
CA ALA B 201 -3.38 -36.25 2.86
C ALA B 201 -1.89 -36.29 3.20
N SER B 202 -1.54 -36.19 4.48
CA SER B 202 -0.15 -36.24 5.00
C SER B 202 -0.11 -36.88 6.38
#